data_1TMM
#
_entry.id   1TMM
#
_cell.length_a   47.992
_cell.length_b   47.392
_cell.length_c   71.438
_cell.angle_alpha   90.00
_cell.angle_beta   104.13
_cell.angle_gamma   90.00
#
_symmetry.space_group_name_H-M   'P 1 21 1'
#
loop_
_entity.id
_entity.type
_entity.pdbx_description
1 polymer '2-amino-4-hydroxy-6-hydroxymethyldihydropteridine pyrophosphokinase'
2 non-polymer 'MAGNESIUM ION'
3 non-polymer 'CHLORIDE ION'
4 non-polymer 'ACETATE ION'
5 non-polymer 'DIPHOSPHOMETHYLPHOSPHONIC ACID ADENOSYL ESTER'
6 non-polymer 6-HYDROXYMETHYLPTERIN
7 non-polymer GLYCEROL
8 water water
#
_entity_poly.entity_id   1
_entity_poly.type   'polypeptide(L)'
_entity_poly.pdbx_seq_one_letter_code
;TVAYIAIGSNLASPLEQVNAALKALGDIPESHILTVSSFYRTPPLGPQDQPDYLNAAVALETSLAPEELLNHTQRIELQQ
GRVRKAERAGPRTLDLDIMLFGNEVINTERLTVPHYDMKNRGFMLWPLFEIAPELVFPDGEMLRQILHTRAFDKLNKW
;
_entity_poly.pdbx_strand_id   A,B
#
loop_
_chem_comp.id
_chem_comp.type
_chem_comp.name
_chem_comp.formula
ACT non-polymer 'ACETATE ION' 'C2 H3 O2 -1'
APC non-polymer 'DIPHOSPHOMETHYLPHOSPHONIC ACID ADENOSYL ESTER' 'C11 H18 N5 O12 P3'
CL non-polymer 'CHLORIDE ION' 'Cl -1'
GOL non-polymer GLYCEROL 'C3 H8 O3'
HHR non-polymer 6-HYDROXYMETHYLPTERIN 'C7 H7 N5 O2'
MG non-polymer 'MAGNESIUM ION' 'Mg 2'
#
# COMPACT_ATOMS: atom_id res chain seq x y z
N THR A 1 -6.41 12.04 7.68
CA THR A 1 -6.10 13.44 7.46
C THR A 1 -6.68 13.90 6.14
N VAL A 2 -7.15 15.14 6.02
CA VAL A 2 -7.57 15.63 4.72
C VAL A 2 -6.39 16.40 4.08
N ALA A 3 -5.99 15.89 2.91
CA ALA A 3 -5.06 16.56 2.03
C ALA A 3 -5.83 17.24 0.92
N TYR A 4 -5.49 18.49 0.64
CA TYR A 4 -6.04 19.23 -0.47
C TYR A 4 -4.99 19.27 -1.57
N ILE A 5 -5.35 18.77 -2.74
CA ILE A 5 -4.42 18.61 -3.87
C ILE A 5 -4.93 19.43 -5.04
N ALA A 6 -4.06 20.25 -5.61
CA ALA A 6 -4.33 21.03 -6.80
C ALA A 6 -3.94 20.16 -8.01
N ILE A 7 -4.82 20.20 -9.02
CA ILE A 7 -4.57 19.47 -10.27
C ILE A 7 -4.49 20.47 -11.40
N GLY A 8 -3.48 20.36 -12.25
CA GLY A 8 -3.36 21.13 -13.44
C GLY A 8 -2.89 20.28 -14.59
N SER A 9 -3.39 20.63 -15.80
CA SER A 9 -2.93 20.01 -17.02
C SER A 9 -3.07 20.98 -18.18
N ASN A 10 -2.10 21.05 -19.05
CA ASN A 10 -2.26 21.88 -20.28
C ASN A 10 -1.68 21.17 -21.48
N LEU A 11 -1.62 19.85 -21.49
CA LEU A 11 -1.11 19.09 -22.62
C LEU A 11 -1.81 17.75 -22.74
N ALA A 12 -1.94 17.25 -23.96
CA ALA A 12 -2.48 15.94 -24.26
C ALA A 12 -3.87 15.72 -23.70
N SER A 13 -4.77 16.66 -24.01
CA SER A 13 -6.18 16.61 -23.65
C SER A 13 -6.34 16.77 -22.15
N PRO A 14 -6.21 17.98 -21.63
CA PRO A 14 -6.35 18.19 -20.17
C PRO A 14 -7.58 17.56 -19.52
N LEU A 15 -8.75 17.50 -20.18
CA LEU A 15 -9.91 16.90 -19.54
C LEU A 15 -9.66 15.41 -19.31
N GLU A 16 -9.07 14.69 -20.29
CA GLU A 16 -8.74 13.28 -20.11
C GLU A 16 -7.69 13.09 -19.05
N GLN A 17 -6.69 13.98 -19.04
CA GLN A 17 -5.63 13.91 -18.04
C GLN A 17 -6.14 14.07 -16.60
N VAL A 18 -7.01 15.06 -16.40
CA VAL A 18 -7.59 15.29 -15.08
C VAL A 18 -8.51 14.15 -14.68
N ASN A 19 -9.37 13.64 -15.59
CA ASN A 19 -10.19 12.50 -15.22
C ASN A 19 -9.32 11.27 -14.88
N ALA A 20 -8.25 11.05 -15.64
CA ALA A 20 -7.34 9.95 -15.32
C ALA A 20 -6.70 10.14 -13.95
N ALA A 21 -6.32 11.39 -13.67
CA ALA A 21 -5.68 11.66 -12.39
C ALA A 21 -6.61 11.43 -11.21
N LEU A 22 -7.88 11.83 -11.36
CA LEU A 22 -8.87 11.61 -10.32
C LEU A 22 -9.03 10.13 -10.02
N LYS A 23 -9.13 9.36 -11.09
CA LYS A 23 -9.24 7.91 -10.90
C LYS A 23 -8.03 7.38 -10.14
N ALA A 24 -6.84 7.80 -10.55
CA ALA A 24 -5.62 7.31 -9.90
C ALA A 24 -5.53 7.77 -8.44
N LEU A 25 -5.92 9.01 -8.16
CA LEU A 25 -5.87 9.51 -6.80
C LEU A 25 -6.76 8.67 -5.87
N GLY A 26 -7.91 8.27 -6.40
CA GLY A 26 -8.84 7.45 -5.59
C GLY A 26 -8.33 6.07 -5.25
N ASP A 27 -7.40 5.62 -6.08
CA ASP A 27 -6.76 4.32 -5.96
C ASP A 27 -5.49 4.37 -5.11
N ILE A 28 -5.05 5.52 -4.63
CA ILE A 28 -3.92 5.51 -3.73
C ILE A 28 -4.26 4.70 -2.49
N PRO A 29 -3.35 3.85 -2.01
CA PRO A 29 -3.60 3.08 -0.78
C PRO A 29 -3.99 3.98 0.41
N GLU A 30 -4.86 3.47 1.26
CA GLU A 30 -5.21 4.11 2.49
C GLU A 30 -5.80 5.51 2.31
N SER A 31 -6.47 5.68 1.21
CA SER A 31 -6.98 6.99 0.82
C SER A 31 -8.27 6.86 0.01
N HIS A 32 -9.10 7.90 0.12
CA HIS A 32 -10.26 8.01 -0.78
C HIS A 32 -10.59 9.49 -0.96
N ILE A 33 -11.09 9.82 -2.13
CA ILE A 33 -11.49 11.20 -2.42
C ILE A 33 -12.76 11.54 -1.64
N LEU A 34 -12.82 12.76 -1.11
CA LEU A 34 -13.99 13.31 -0.48
C LEU A 34 -14.75 14.23 -1.43
N THR A 35 -14.06 15.19 -2.05
CA THR A 35 -14.72 16.18 -2.85
C THR A 35 -13.84 16.58 -4.01
N VAL A 36 -14.50 17.02 -5.10
CA VAL A 36 -13.81 17.46 -6.32
C VAL A 36 -14.43 18.79 -6.71
N SER A 37 -13.61 19.78 -7.06
CA SER A 37 -14.09 21.06 -7.55
C SER A 37 -14.61 20.95 -8.94
N SER A 38 -15.18 22.04 -9.45
CA SER A 38 -15.38 22.22 -10.86
C SER A 38 -14.03 22.26 -11.57
N PHE A 39 -14.13 22.15 -12.89
CA PHE A 39 -12.97 22.28 -13.77
C PHE A 39 -12.91 23.66 -14.37
N TYR A 40 -11.76 24.32 -14.24
CA TYR A 40 -11.59 25.70 -14.70
C TYR A 40 -10.58 25.81 -15.82
N ARG A 41 -10.82 26.70 -16.77
CA ARG A 41 -9.95 26.95 -17.91
C ARG A 41 -9.17 28.22 -17.61
N THR A 42 -7.87 28.11 -17.41
CA THR A 42 -7.08 29.26 -16.95
C THR A 42 -5.89 29.54 -17.85
N PRO A 43 -5.59 30.82 -18.04
CA PRO A 43 -4.42 31.11 -18.89
C PRO A 43 -3.15 30.78 -18.14
N PRO A 44 -2.10 30.34 -18.83
CA PRO A 44 -0.89 29.96 -18.12
C PRO A 44 -0.29 31.17 -17.44
N LEU A 45 0.27 30.91 -16.25
CA LEU A 45 1.08 31.90 -15.57
C LEU A 45 2.28 32.27 -16.45
N GLY A 46 2.70 33.50 -16.46
CA GLY A 46 3.94 33.72 -17.17
C GLY A 46 3.91 33.65 -18.67
N PRO A 47 4.89 32.90 -19.20
CA PRO A 47 5.11 32.88 -20.64
C PRO A 47 3.82 32.40 -21.29
N GLN A 48 3.15 33.30 -21.98
CA GLN A 48 1.81 33.12 -22.54
C GLN A 48 1.82 32.08 -23.67
N ASP A 49 3.02 31.73 -24.09
CA ASP A 49 3.44 30.86 -25.14
C ASP A 49 3.12 29.40 -24.89
N GLN A 50 2.05 29.10 -24.14
CA GLN A 50 1.65 27.71 -23.98
C GLN A 50 0.12 27.62 -23.86
N PRO A 51 -0.44 26.42 -23.99
CA PRO A 51 -1.89 26.30 -23.92
C PRO A 51 -2.52 26.61 -22.57
N ASP A 52 -3.80 26.92 -22.57
CA ASP A 52 -4.56 27.04 -21.34
C ASP A 52 -4.60 25.75 -20.53
N TYR A 53 -4.63 25.97 -19.22
CA TYR A 53 -4.74 24.90 -18.26
C TYR A 53 -6.19 24.57 -17.97
N LEU A 54 -6.39 23.31 -17.65
CA LEU A 54 -7.47 22.89 -16.81
C LEU A 54 -6.92 22.83 -15.38
N ASN A 55 -7.60 23.55 -14.47
CA ASN A 55 -7.27 23.53 -13.05
C ASN A 55 -8.47 23.06 -12.23
N ALA A 56 -8.15 22.29 -11.20
CA ALA A 56 -9.14 21.77 -10.28
C ALA A 56 -8.44 21.57 -8.94
N ALA A 57 -9.24 21.15 -7.97
CA ALA A 57 -8.77 20.79 -6.63
C ALA A 57 -9.59 19.60 -6.13
N VAL A 58 -8.92 18.80 -5.29
CA VAL A 58 -9.64 17.69 -4.65
C VAL A 58 -9.24 17.65 -3.17
N ALA A 59 -10.16 17.17 -2.36
CA ALA A 59 -9.92 16.77 -0.98
C ALA A 59 -9.77 15.26 -0.93
N LEU A 60 -8.66 14.79 -0.36
CA LEU A 60 -8.34 13.39 -0.23
C LEU A 60 -8.21 13.00 1.23
N GLU A 61 -9.08 12.11 1.70
CA GLU A 61 -8.90 11.57 3.04
C GLU A 61 -7.84 10.49 2.97
N THR A 62 -6.80 10.60 3.80
CA THR A 62 -5.73 9.62 3.78
C THR A 62 -5.14 9.34 5.17
N SER A 63 -4.72 8.09 5.37
CA SER A 63 -3.90 7.80 6.55
C SER A 63 -2.43 7.65 6.21
N LEU A 64 -1.96 8.01 5.03
CA LEU A 64 -0.59 8.10 4.63
C LEU A 64 0.06 9.30 5.31
N ALA A 65 1.39 9.14 5.49
CA ALA A 65 2.18 10.28 5.92
C ALA A 65 2.37 11.21 4.73
N PRO A 66 2.65 12.48 5.00
CA PRO A 66 2.74 13.45 3.89
C PRO A 66 3.70 13.04 2.78
N GLU A 67 4.89 12.55 3.10
CA GLU A 67 5.87 12.21 2.07
C GLU A 67 5.42 10.96 1.31
N GLU A 68 4.65 10.08 1.97
CA GLU A 68 4.11 8.89 1.32
C GLU A 68 3.08 9.35 0.28
N LEU A 69 2.23 10.28 0.64
CA LEU A 69 1.28 10.83 -0.33
C LEU A 69 2.05 11.46 -1.49
N LEU A 70 3.10 12.23 -1.17
CA LEU A 70 3.91 12.85 -2.22
C LEU A 70 4.41 11.78 -3.20
N ASN A 71 4.95 10.66 -2.67
CA ASN A 71 5.50 9.60 -3.54
C ASN A 71 4.41 9.14 -4.51
N HIS A 72 3.19 8.97 -3.98
CA HIS A 72 2.13 8.49 -4.85
C HIS A 72 1.73 9.52 -5.88
N THR A 73 1.63 10.78 -5.51
CA THR A 73 1.25 11.80 -6.48
C THR A 73 2.32 11.93 -7.59
N GLN A 74 3.58 11.78 -7.21
CA GLN A 74 4.67 11.84 -8.17
C GLN A 74 4.61 10.64 -9.11
N ARG A 75 4.28 9.48 -8.66
CA ARG A 75 4.12 8.28 -9.49
C ARG A 75 2.94 8.43 -10.45
N ILE A 76 1.84 9.04 -10.00
CA ILE A 76 0.72 9.30 -10.89
C ILE A 76 1.13 10.26 -12.00
N GLU A 77 1.85 11.33 -11.63
CA GLU A 77 2.38 12.22 -12.66
C GLU A 77 3.21 11.42 -13.69
N LEU A 78 4.13 10.60 -13.19
CA LEU A 78 5.02 9.89 -14.13
C LEU A 78 4.21 8.97 -15.03
N GLN A 79 3.25 8.26 -14.44
CA GLN A 79 2.48 7.31 -15.24
C GLN A 79 1.72 8.04 -16.35
N GLN A 80 1.40 9.32 -16.11
CA GLN A 80 0.75 10.19 -17.10
C GLN A 80 1.70 11.07 -17.89
N GLY A 81 2.97 10.66 -17.93
CA GLY A 81 3.91 11.27 -18.84
C GLY A 81 4.66 12.48 -18.34
N ARG A 82 4.46 12.86 -17.09
CA ARG A 82 5.14 14.00 -16.55
C ARG A 82 6.52 13.58 -16.07
N VAL A 83 7.55 14.15 -16.67
CA VAL A 83 8.93 13.80 -16.39
C VAL A 83 9.72 15.00 -15.90
N ARG A 84 9.46 16.25 -16.31
CA ARG A 84 10.26 17.40 -15.89
C ARG A 84 9.77 17.97 -14.57
N LYS A 85 10.69 18.07 -13.63
CA LYS A 85 10.42 18.45 -12.25
C LYS A 85 11.46 19.49 -11.84
N ALA A 86 11.00 20.50 -11.13
CA ALA A 86 11.84 21.55 -10.61
C ALA A 86 12.61 22.24 -11.73
N GLU A 87 11.92 22.45 -12.86
CA GLU A 87 12.41 23.24 -13.98
C GLU A 87 11.42 24.28 -14.48
N ARG A 88 11.90 25.16 -15.37
CA ARG A 88 11.02 26.22 -15.89
C ARG A 88 9.84 25.56 -16.57
N ALA A 89 8.58 26.07 -16.48
CA ALA A 89 7.56 25.18 -17.00
C ALA A 89 7.24 25.47 -18.48
N GLY A 90 7.08 24.38 -19.22
CA GLY A 90 6.55 24.15 -20.54
C GLY A 90 5.25 23.38 -20.30
N PRO A 91 4.52 23.06 -21.35
CA PRO A 91 3.26 22.34 -21.21
C PRO A 91 3.47 21.00 -20.52
N ARG A 92 2.56 20.65 -19.64
CA ARG A 92 2.67 19.40 -18.90
C ARG A 92 1.34 18.66 -18.93
N THR A 93 1.49 17.35 -19.05
CA THR A 93 0.32 16.46 -18.97
C THR A 93 -0.36 16.54 -17.63
N LEU A 94 0.40 16.60 -16.55
CA LEU A 94 -0.19 16.64 -15.21
C LEU A 94 0.74 17.27 -14.19
N ASP A 95 0.15 18.03 -13.31
CA ASP A 95 0.84 18.63 -12.17
C ASP A 95 -0.09 18.41 -10.95
N LEU A 96 0.34 17.61 -9.99
CA LEU A 96 -0.35 17.39 -8.73
C LEU A 96 0.46 18.05 -7.62
N ASP A 97 -0.10 19.14 -7.06
CA ASP A 97 0.59 19.89 -6.01
C ASP A 97 -0.21 19.75 -4.72
N ILE A 98 0.47 19.38 -3.65
CA ILE A 98 -0.18 19.29 -2.36
C ILE A 98 -0.30 20.69 -1.77
N MET A 99 -1.52 21.16 -1.68
CA MET A 99 -1.72 22.52 -1.18
C MET A 99 -1.66 22.55 0.34
N LEU A 100 -2.39 21.65 0.99
CA LEU A 100 -2.49 21.56 2.44
C LEU A 100 -2.52 20.09 2.82
N PHE A 101 -2.00 19.77 3.98
CA PHE A 101 -2.04 18.41 4.51
C PHE A 101 -2.47 18.52 5.95
N GLY A 102 -3.76 18.27 6.21
CA GLY A 102 -4.25 18.63 7.51
C GLY A 102 -3.92 20.09 7.85
N ASN A 103 -3.53 20.30 9.10
CA ASN A 103 -3.10 21.61 9.56
C ASN A 103 -1.58 21.64 9.67
N GLU A 104 -0.91 20.77 8.94
CA GLU A 104 0.55 20.60 9.06
C GLU A 104 1.30 21.70 8.33
N VAL A 105 2.47 22.05 8.91
CA VAL A 105 3.42 22.98 8.35
C VAL A 105 4.73 22.23 8.13
N ILE A 106 5.14 22.10 6.89
CA ILE A 106 6.25 21.26 6.50
C ILE A 106 7.21 22.03 5.63
N ASN A 107 8.47 22.00 5.97
CA ASN A 107 9.52 22.67 5.24
C ASN A 107 10.72 21.74 5.14
N THR A 108 10.66 20.82 4.18
CA THR A 108 11.72 19.85 3.93
C THR A 108 12.22 20.00 2.49
N GLU A 109 13.30 19.31 2.18
CA GLU A 109 13.87 19.19 0.85
C GLU A 109 12.82 18.77 -0.18
N ARG A 110 11.95 17.85 0.19
CA ARG A 110 10.93 17.37 -0.73
C ARG A 110 9.58 18.09 -0.66
N LEU A 111 9.21 18.64 0.48
CA LEU A 111 7.85 19.12 0.68
C LEU A 111 7.83 20.46 1.41
N THR A 112 7.09 21.40 0.84
CA THR A 112 6.77 22.68 1.44
C THR A 112 5.25 22.72 1.47
N VAL A 113 4.68 22.71 2.66
CA VAL A 113 3.25 22.74 2.92
C VAL A 113 2.98 23.76 4.01
N PRO A 114 2.02 24.66 3.89
CA PRO A 114 1.20 24.96 2.72
C PRO A 114 2.01 25.31 1.46
N HIS A 115 1.41 24.99 0.33
CA HIS A 115 2.11 25.28 -0.93
C HIS A 115 2.59 26.74 -0.93
N TYR A 116 3.81 26.97 -1.33
CA TYR A 116 4.46 28.26 -1.10
C TYR A 116 3.80 29.42 -1.76
N ASP A 117 3.12 29.24 -2.85
CA ASP A 117 2.51 30.29 -3.64
C ASP A 117 0.97 30.24 -3.73
N MET A 118 0.34 29.30 -3.04
CA MET A 118 -1.11 29.13 -3.25
C MET A 118 -1.91 30.37 -2.93
N LYS A 119 -1.49 31.17 -1.95
CA LYS A 119 -2.25 32.32 -1.53
C LYS A 119 -2.21 33.46 -2.52
N ASN A 120 -1.42 33.27 -3.55
CA ASN A 120 -1.31 34.22 -4.65
C ASN A 120 -1.95 33.72 -5.93
N ARG A 121 -2.59 32.56 -5.92
CA ARG A 121 -3.07 31.94 -7.13
C ARG A 121 -4.57 31.67 -7.10
N GLY A 122 -5.39 32.46 -7.82
CA GLY A 122 -6.78 32.15 -7.94
C GLY A 122 -7.05 30.77 -8.51
N PHE A 123 -6.19 30.29 -9.39
CA PHE A 123 -6.44 28.95 -9.97
C PHE A 123 -6.26 27.83 -8.94
N MET A 124 -5.65 28.10 -7.82
CA MET A 124 -5.57 27.18 -6.69
C MET A 124 -6.67 27.54 -5.67
N LEU A 125 -6.81 28.80 -5.32
CA LEU A 125 -7.71 29.17 -4.24
C LEU A 125 -9.18 29.04 -4.58
N TRP A 126 -9.60 29.41 -5.82
CA TRP A 126 -11.03 29.32 -6.09
C TRP A 126 -11.51 27.87 -6.12
N PRO A 127 -10.83 26.92 -6.75
CA PRO A 127 -11.30 25.53 -6.68
C PRO A 127 -11.27 25.01 -5.25
N LEU A 128 -10.27 25.39 -4.45
CA LEU A 128 -10.23 25.00 -3.05
C LEU A 128 -11.43 25.57 -2.28
N PHE A 129 -11.77 26.82 -2.54
CA PHE A 129 -12.92 27.46 -1.85
C PHE A 129 -14.24 26.80 -2.20
N GLU A 130 -14.33 26.29 -3.43
CA GLU A 130 -15.52 25.60 -3.86
C GLU A 130 -15.75 24.33 -3.06
N ILE A 131 -14.69 23.61 -2.71
CA ILE A 131 -14.86 22.36 -1.96
C ILE A 131 -14.70 22.53 -0.46
N ALA A 132 -14.12 23.61 0.05
CA ALA A 132 -13.80 23.81 1.44
C ALA A 132 -14.04 25.28 1.79
N PRO A 133 -15.28 25.73 1.71
CA PRO A 133 -15.49 27.18 1.87
C PRO A 133 -15.17 27.68 3.28
N GLU A 134 -15.19 26.82 4.31
CA GLU A 134 -14.92 27.25 5.67
C GLU A 134 -13.47 27.01 6.12
N LEU A 135 -12.61 26.67 5.14
CA LEU A 135 -11.24 26.32 5.46
C LEU A 135 -10.47 27.44 6.16
N VAL A 136 -9.67 27.07 7.15
CA VAL A 136 -8.74 27.91 7.88
C VAL A 136 -7.36 27.30 7.66
N PHE A 137 -6.44 28.18 7.31
CA PHE A 137 -5.05 27.81 7.08
C PHE A 137 -4.35 27.57 8.41
N PRO A 138 -3.20 26.87 8.42
CA PRO A 138 -2.46 26.70 9.67
C PRO A 138 -2.14 27.99 10.41
N ASP A 139 -1.96 29.10 9.69
CA ASP A 139 -1.63 30.33 10.41
C ASP A 139 -2.86 31.08 10.93
N GLY A 140 -4.03 30.49 10.78
CA GLY A 140 -5.25 31.02 11.35
C GLY A 140 -5.99 31.90 10.37
N GLU A 141 -5.47 32.10 9.15
CA GLU A 141 -6.20 32.89 8.15
C GLU A 141 -7.32 32.06 7.52
N MET A 142 -8.48 32.68 7.32
CA MET A 142 -9.57 31.98 6.65
C MET A 142 -9.45 32.11 5.14
N LEU A 143 -9.67 31.04 4.42
CA LEU A 143 -9.65 31.07 2.97
C LEU A 143 -10.58 32.12 2.38
N ARG A 144 -11.80 32.22 2.95
CA ARG A 144 -12.75 33.21 2.44
C ARG A 144 -12.20 34.61 2.54
N GLN A 145 -11.50 34.83 3.65
CA GLN A 145 -10.93 36.15 3.87
C GLN A 145 -9.85 36.42 2.84
N ILE A 146 -8.91 35.49 2.63
CA ILE A 146 -7.84 35.68 1.63
C ILE A 146 -8.42 36.02 0.27
N LEU A 147 -9.52 35.35 -0.14
CA LEU A 147 -10.06 35.59 -1.46
C LEU A 147 -10.78 36.92 -1.65
N HIS A 148 -11.22 37.54 -0.57
CA HIS A 148 -11.97 38.76 -0.68
C HIS A 148 -11.16 39.98 -0.31
N THR A 149 -10.21 39.89 0.61
CA THR A 149 -9.53 41.13 1.02
C THR A 149 -8.62 41.58 -0.12
N ARG A 150 -8.33 40.70 -1.08
CA ARG A 150 -7.52 41.01 -2.25
C ARG A 150 -8.12 40.82 -3.64
N ALA A 151 -9.41 40.88 -3.84
CA ALA A 151 -10.12 41.02 -5.10
C ALA A 151 -9.54 40.24 -6.27
N PHE A 152 -9.24 39.00 -5.99
CA PHE A 152 -9.08 37.94 -6.97
C PHE A 152 -10.26 37.89 -7.91
N ASP A 153 -10.00 37.84 -9.20
CA ASP A 153 -11.10 37.74 -10.15
C ASP A 153 -11.51 36.29 -10.34
N LYS A 154 -12.77 36.14 -10.71
CA LYS A 154 -13.38 34.84 -10.91
C LYS A 154 -12.84 34.16 -12.16
N LEU A 155 -12.85 32.85 -12.14
CA LEU A 155 -12.39 31.98 -13.18
C LEU A 155 -13.55 31.55 -14.07
N ASN A 156 -13.16 31.09 -15.24
CA ASN A 156 -14.06 30.51 -16.24
C ASN A 156 -14.04 29.00 -16.09
N LYS A 157 -15.22 28.39 -16.13
CA LYS A 157 -15.33 26.95 -16.20
C LYS A 157 -14.82 26.42 -17.52
N TRP A 158 -14.20 25.28 -17.49
CA TRP A 158 -13.73 24.52 -18.62
C TRP A 158 -14.93 24.15 -19.50
N THR B 1 -7.34 -9.48 0.03
CA THR B 1 -7.26 -10.93 -0.15
C THR B 1 -6.67 -11.50 1.14
N VAL B 2 -7.20 -12.63 1.57
CA VAL B 2 -6.59 -13.29 2.74
C VAL B 2 -5.59 -14.33 2.26
N ALA B 3 -4.34 -14.16 2.69
CA ALA B 3 -3.30 -15.14 2.45
C ALA B 3 -2.97 -15.84 3.77
N TYR B 4 -2.77 -17.13 3.72
CA TYR B 4 -2.28 -17.89 4.88
C TYR B 4 -0.83 -18.26 4.68
N ILE B 5 -0.01 -17.91 5.65
CA ILE B 5 1.42 -18.12 5.55
C ILE B 5 1.87 -18.99 6.69
N ALA B 6 2.63 -20.04 6.34
CA ALA B 6 3.26 -20.90 7.34
C ALA B 6 4.63 -20.36 7.67
N ILE B 7 4.93 -20.33 8.96
CA ILE B 7 6.22 -19.88 9.46
C ILE B 7 6.93 -21.05 10.10
N GLY B 8 8.18 -21.31 9.70
CA GLY B 8 9.03 -22.28 10.38
C GLY B 8 10.40 -21.68 10.62
N SER B 9 10.99 -22.05 11.75
CA SER B 9 12.38 -21.69 12.01
C SER B 9 13.00 -22.81 12.85
N ASN B 10 14.20 -23.26 12.53
CA ASN B 10 14.89 -24.18 13.44
C ASN B 10 16.35 -23.79 13.64
N LEU B 11 16.72 -22.54 13.40
CA LEU B 11 18.09 -22.08 13.53
C LEU B 11 18.17 -20.67 14.10
N ALA B 12 19.23 -20.43 14.88
CA ALA B 12 19.58 -19.09 15.34
C ALA B 12 18.43 -18.43 16.10
N SER B 13 17.98 -19.13 17.11
CA SER B 13 16.96 -18.75 18.08
C SER B 13 15.60 -18.60 17.46
N PRO B 14 14.95 -19.73 17.19
CA PRO B 14 13.64 -19.74 16.51
C PRO B 14 12.61 -18.79 17.12
N LEU B 15 12.51 -18.61 18.42
CA LEU B 15 11.50 -17.71 18.97
C LEU B 15 11.74 -16.29 18.51
N GLU B 16 13.02 -15.88 18.59
CA GLU B 16 13.34 -14.55 18.07
C GLU B 16 13.14 -14.44 16.57
N GLN B 17 13.44 -15.47 15.80
CA GLN B 17 13.22 -15.41 14.38
C GLN B 17 11.74 -15.27 14.03
N VAL B 18 10.89 -16.03 14.71
CA VAL B 18 9.47 -15.96 14.43
C VAL B 18 8.90 -14.63 14.86
N ASN B 19 9.31 -14.09 16.00
CA ASN B 19 8.78 -12.76 16.39
C ASN B 19 9.23 -11.66 15.44
N ALA B 20 10.47 -11.74 14.95
CA ALA B 20 10.97 -10.79 13.95
C ALA B 20 10.19 -10.97 12.67
N ALA B 21 9.87 -12.19 12.30
CA ALA B 21 9.14 -12.44 11.04
C ALA B 21 7.74 -11.87 11.11
N LEU B 22 7.11 -11.98 12.28
CA LEU B 22 5.77 -11.42 12.42
C LEU B 22 5.76 -9.91 12.23
N LYS B 23 6.75 -9.24 12.84
CA LYS B 23 6.89 -7.80 12.61
C LYS B 23 7.12 -7.46 11.17
N ALA B 24 8.01 -8.20 10.49
CA ALA B 24 8.28 -7.92 9.09
C ALA B 24 7.08 -8.17 8.17
N LEU B 25 6.36 -9.26 8.45
CA LEU B 25 5.13 -9.56 7.70
C LEU B 25 4.15 -8.41 7.80
N GLY B 26 3.96 -7.81 8.98
CA GLY B 26 3.02 -6.73 9.12
C GLY B 26 3.50 -5.45 8.44
N ASP B 27 4.80 -5.36 8.18
CA ASP B 27 5.36 -4.22 7.49
C ASP B 27 5.40 -4.38 5.98
N ILE B 28 4.91 -5.49 5.44
CA ILE B 28 4.83 -5.65 3.96
C ILE B 28 3.86 -4.61 3.44
N PRO B 29 4.17 -3.93 2.33
CA PRO B 29 3.24 -2.92 1.82
C PRO B 29 1.85 -3.51 1.57
N GLU B 30 0.86 -2.70 1.89
CA GLU B 30 -0.52 -2.97 1.63
C GLU B 30 -0.99 -4.29 2.22
N SER B 31 -0.36 -4.64 3.32
CA SER B 31 -0.62 -5.93 3.95
C SER B 31 -0.59 -5.77 5.44
N HIS B 32 -1.48 -6.47 6.14
CA HIS B 32 -1.57 -6.41 7.59
C HIS B 32 -1.95 -7.79 8.11
N ILE B 33 -1.41 -8.18 9.27
CA ILE B 33 -1.75 -9.44 9.88
C ILE B 33 -3.14 -9.41 10.51
N LEU B 34 -3.90 -10.46 10.19
CA LEU B 34 -5.23 -10.67 10.75
C LEU B 34 -5.27 -11.50 12.02
N THR B 35 -4.58 -12.64 11.95
CA THR B 35 -4.56 -13.63 13.02
C THR B 35 -3.21 -14.34 13.06
N VAL B 36 -2.85 -14.81 14.26
CA VAL B 36 -1.62 -15.52 14.52
C VAL B 36 -1.88 -16.72 15.38
N SER B 37 -1.35 -17.87 14.97
CA SER B 37 -1.48 -19.06 15.77
C SER B 37 -0.57 -19.05 16.99
N SER B 38 -0.77 -20.03 17.85
CA SER B 38 0.24 -20.31 18.85
C SER B 38 1.52 -20.81 18.16
N PHE B 39 2.56 -20.91 18.95
CA PHE B 39 3.87 -21.38 18.54
C PHE B 39 4.04 -22.84 18.97
N TYR B 40 4.43 -23.69 18.06
CA TYR B 40 4.58 -25.12 18.32
C TYR B 40 6.00 -25.59 18.10
N ARG B 41 6.42 -26.52 18.98
CA ARG B 41 7.71 -27.18 18.84
C ARG B 41 7.54 -28.54 18.15
N THR B 42 8.11 -28.65 16.98
CA THR B 42 7.92 -29.85 16.21
C THR B 42 9.25 -30.47 15.78
N PRO B 43 9.30 -31.80 15.79
CA PRO B 43 10.55 -32.45 15.35
C PRO B 43 10.66 -32.28 13.84
N PRO B 44 11.88 -32.30 13.31
CA PRO B 44 12.05 -32.04 11.87
C PRO B 44 11.39 -33.13 11.01
N LEU B 45 10.66 -32.72 9.95
CA LEU B 45 9.96 -33.71 9.13
C LEU B 45 10.98 -34.58 8.43
N GLY B 46 12.01 -33.92 7.94
CA GLY B 46 12.90 -34.26 6.87
C GLY B 46 14.16 -34.88 7.42
N PRO B 47 15.29 -34.37 6.94
CA PRO B 47 16.56 -34.90 7.52
C PRO B 47 16.44 -34.74 9.03
N GLN B 48 16.72 -35.79 9.78
CA GLN B 48 16.57 -35.77 11.21
C GLN B 48 17.73 -35.04 11.93
N ASP B 49 18.85 -34.82 11.23
CA ASP B 49 19.99 -34.20 11.85
C ASP B 49 19.93 -32.68 11.77
N GLN B 50 18.89 -32.16 12.39
CA GLN B 50 18.70 -30.71 12.42
C GLN B 50 17.83 -30.39 13.62
N PRO B 51 17.88 -29.16 14.14
CA PRO B 51 17.10 -28.86 15.34
C PRO B 51 15.59 -28.94 15.15
N ASP B 52 14.89 -29.03 16.29
CA ASP B 52 13.44 -28.92 16.27
C ASP B 52 13.04 -27.56 15.74
N TYR B 53 11.88 -27.54 15.10
CA TYR B 53 11.31 -26.31 14.57
C TYR B 53 10.35 -25.63 15.53
N LEU B 54 10.28 -24.32 15.44
CA LEU B 54 9.13 -23.57 15.83
C LEU B 54 8.28 -23.43 14.56
N ASN B 55 7.01 -23.85 14.67
CA ASN B 55 6.03 -23.66 13.61
C ASN B 55 4.83 -22.84 14.07
N ALA B 56 4.36 -22.01 13.16
CA ALA B 56 3.20 -21.17 13.38
C ALA B 56 2.53 -20.91 12.04
N ALA B 57 1.36 -20.26 12.08
CA ALA B 57 0.67 -19.80 10.90
C ALA B 57 0.09 -18.41 11.16
N VAL B 58 -0.03 -17.66 10.09
CA VAL B 58 -0.69 -16.36 10.12
C VAL B 58 -1.66 -16.23 8.95
N ALA B 59 -2.72 -15.47 9.18
CA ALA B 59 -3.56 -14.93 8.13
C ALA B 59 -3.11 -13.46 7.91
N LEU B 60 -2.89 -13.11 6.65
CA LEU B 60 -2.45 -11.82 6.21
C LEU B 60 -3.46 -11.25 5.23
N GLU B 61 -4.00 -10.08 5.53
CA GLU B 61 -4.79 -9.39 4.51
C GLU B 61 -3.85 -8.60 3.64
N THR B 62 -4.02 -8.76 2.34
CA THR B 62 -3.12 -8.09 1.40
C THR B 62 -3.86 -7.70 0.14
N SER B 63 -3.45 -6.55 -0.40
CA SER B 63 -3.85 -6.05 -1.71
C SER B 63 -2.84 -6.40 -2.79
N LEU B 64 -1.76 -7.06 -2.50
CA LEU B 64 -0.66 -7.39 -3.36
C LEU B 64 -1.07 -8.57 -4.24
N ALA B 65 -0.49 -8.64 -5.42
CA ALA B 65 -0.57 -9.83 -6.28
C ALA B 65 0.17 -10.95 -5.59
N PRO B 66 -0.19 -12.20 -5.85
CA PRO B 66 0.47 -13.29 -5.11
C PRO B 66 1.98 -13.35 -5.29
N GLU B 67 2.51 -13.06 -6.49
CA GLU B 67 3.96 -13.15 -6.63
C GLU B 67 4.67 -11.91 -6.05
N GLU B 68 3.95 -10.81 -5.94
CA GLU B 68 4.47 -9.64 -5.20
C GLU B 68 4.61 -10.00 -3.73
N LEU B 69 3.55 -10.64 -3.19
CA LEU B 69 3.65 -11.13 -1.81
C LEU B 69 4.81 -12.10 -1.65
N LEU B 70 4.93 -13.04 -2.57
CA LEU B 70 6.06 -13.95 -2.50
C LEU B 70 7.37 -13.22 -2.50
N ASN B 71 7.55 -12.25 -3.38
CA ASN B 71 8.81 -11.51 -3.43
C ASN B 71 9.14 -10.90 -2.08
N HIS B 72 8.13 -10.34 -1.40
CA HIS B 72 8.34 -9.77 -0.09
C HIS B 72 8.68 -10.83 0.94
N THR B 73 7.98 -11.96 0.99
CA THR B 73 8.30 -12.99 1.97
C THR B 73 9.74 -13.48 1.71
N GLN B 74 10.19 -13.58 0.49
CA GLN B 74 11.56 -14.00 0.19
C GLN B 74 12.58 -13.00 0.71
N ARG B 75 12.29 -11.69 0.60
CA ARG B 75 13.15 -10.63 1.09
C ARG B 75 13.27 -10.74 2.61
N ILE B 76 12.13 -11.06 3.26
CA ILE B 76 12.20 -11.21 4.72
C ILE B 76 13.08 -12.37 5.10
N GLU B 77 12.94 -13.51 4.42
CA GLU B 77 13.83 -14.64 4.68
C GLU B 77 15.28 -14.27 4.52
N LEU B 78 15.61 -13.52 3.47
CA LEU B 78 17.01 -13.14 3.24
C LEU B 78 17.51 -12.26 4.39
N GLN B 79 16.64 -11.32 4.80
CA GLN B 79 17.14 -10.37 5.86
C GLN B 79 17.31 -11.11 7.18
N GLN B 80 16.64 -12.21 7.37
CA GLN B 80 16.76 -13.07 8.56
C GLN B 80 17.71 -14.24 8.34
N GLY B 81 18.63 -14.14 7.39
CA GLY B 81 19.72 -15.08 7.31
C GLY B 81 19.54 -16.30 6.44
N ARG B 82 18.45 -16.33 5.68
CA ARG B 82 18.25 -17.46 4.77
C ARG B 82 19.19 -17.32 3.58
N VAL B 83 20.12 -18.25 3.43
CA VAL B 83 21.00 -18.10 2.28
C VAL B 83 20.76 -19.15 1.21
N ARG B 84 20.24 -20.30 1.59
CA ARG B 84 19.99 -21.41 0.67
C ARG B 84 18.50 -21.58 0.35
N LYS B 85 18.13 -21.61 -0.93
CA LYS B 85 16.74 -21.76 -1.36
C LYS B 85 16.65 -22.83 -2.45
N ALA B 86 15.58 -23.61 -2.52
CA ALA B 86 15.43 -24.56 -3.62
C ALA B 86 16.63 -25.51 -3.62
N GLU B 87 17.07 -25.80 -2.41
CA GLU B 87 18.20 -26.63 -2.12
C GLU B 87 17.75 -27.85 -1.33
N ARG B 88 18.71 -28.77 -1.22
CA ARG B 88 18.63 -29.89 -0.32
C ARG B 88 18.04 -29.45 1.02
N ALA B 89 17.18 -30.34 1.53
CA ALA B 89 16.59 -30.05 2.83
C ALA B 89 17.65 -29.81 3.88
N GLY B 90 17.36 -29.02 4.90
CA GLY B 90 18.33 -28.71 5.95
C GLY B 90 17.87 -27.52 6.77
N PRO B 91 18.62 -27.14 7.81
CA PRO B 91 18.03 -26.17 8.74
C PRO B 91 18.00 -24.76 8.16
N ARG B 92 17.04 -23.99 8.67
CA ARG B 92 16.97 -22.59 8.26
C ARG B 92 16.45 -21.70 9.37
N THR B 93 16.95 -20.45 9.33
CA THR B 93 16.49 -19.46 10.28
C THR B 93 15.04 -19.08 10.05
N LEU B 94 14.58 -19.08 8.79
CA LEU B 94 13.21 -18.70 8.51
C LEU B 94 12.75 -19.27 7.19
N ASP B 95 11.59 -19.91 7.22
CA ASP B 95 10.87 -20.39 6.05
C ASP B 95 9.46 -19.82 6.10
N LEU B 96 9.13 -18.95 5.13
CA LEU B 96 7.80 -18.38 4.96
C LEU B 96 7.21 -19.02 3.71
N ASP B 97 6.22 -19.89 3.91
CA ASP B 97 5.57 -20.61 2.79
C ASP B 97 4.14 -20.11 2.70
N ILE B 98 3.76 -19.75 1.46
CA ILE B 98 2.37 -19.34 1.22
C ILE B 98 1.54 -20.60 1.12
N MET B 99 0.71 -20.81 2.14
CA MET B 99 -0.14 -21.97 2.11
C MET B 99 -1.34 -21.80 1.18
N LEU B 100 -2.04 -20.68 1.29
CA LEU B 100 -3.27 -20.38 0.59
C LEU B 100 -3.25 -18.88 0.21
N PHE B 101 -3.85 -18.57 -0.91
CA PHE B 101 -3.98 -17.19 -1.36
C PHE B 101 -5.40 -17.00 -1.86
N GLY B 102 -6.21 -16.27 -1.08
CA GLY B 102 -7.63 -16.23 -1.39
C GLY B 102 -8.16 -17.66 -1.45
N ASN B 103 -9.01 -17.89 -2.44
CA ASN B 103 -9.53 -19.22 -2.75
C ASN B 103 -8.93 -19.75 -4.04
N GLU B 104 -7.70 -19.33 -4.34
CA GLU B 104 -7.10 -19.62 -5.65
C GLU B 104 -6.25 -20.87 -5.71
N VAL B 105 -6.23 -21.47 -6.89
CA VAL B 105 -5.23 -22.40 -7.29
C VAL B 105 -4.26 -21.69 -8.22
N ILE B 106 -2.99 -21.71 -7.90
CA ILE B 106 -1.94 -21.01 -8.66
C ILE B 106 -0.84 -21.99 -8.94
N ASN B 107 -0.40 -22.05 -10.21
CA ASN B 107 0.79 -22.81 -10.56
C ASN B 107 1.54 -22.07 -11.68
N THR B 108 2.59 -21.39 -11.32
CA THR B 108 3.48 -20.62 -12.14
C THR B 108 4.92 -21.08 -11.92
N GLU B 109 5.92 -20.49 -12.61
CA GLU B 109 7.27 -21.10 -12.37
C GLU B 109 7.66 -20.76 -10.95
N ARG B 110 7.21 -19.67 -10.33
CA ARG B 110 7.64 -19.34 -8.98
C ARG B 110 6.73 -19.87 -7.88
N LEU B 111 5.48 -20.14 -8.17
CA LEU B 111 4.49 -20.31 -7.13
C LEU B 111 3.54 -21.46 -7.39
N THR B 112 3.37 -22.27 -6.37
CA THR B 112 2.34 -23.30 -6.32
C THR B 112 1.52 -23.16 -5.05
N VAL B 113 0.24 -22.89 -5.26
CA VAL B 113 -0.72 -22.62 -4.20
C VAL B 113 -1.98 -23.41 -4.49
N PRO B 114 -2.61 -24.11 -3.55
CA PRO B 114 -2.13 -24.41 -2.19
C PRO B 114 -0.75 -25.05 -2.13
N HIS B 115 -0.01 -24.75 -1.06
CA HIS B 115 1.29 -25.38 -0.89
C HIS B 115 1.20 -26.90 -1.12
N TYR B 116 2.13 -27.39 -1.89
CA TYR B 116 2.02 -28.69 -2.56
C TYR B 116 1.93 -29.82 -1.56
N ASP B 117 2.41 -29.69 -0.35
CA ASP B 117 2.48 -30.72 0.66
C ASP B 117 1.73 -30.42 1.95
N MET B 118 0.98 -29.31 2.03
CA MET B 118 0.46 -28.88 3.31
C MET B 118 -0.55 -29.86 3.87
N LYS B 119 -1.27 -30.58 2.99
CA LYS B 119 -2.28 -31.50 3.48
C LYS B 119 -1.68 -32.73 4.15
N ASN B 120 -0.38 -32.93 4.01
CA ASN B 120 0.31 -34.01 4.68
C ASN B 120 1.07 -33.56 5.91
N ARG B 121 0.98 -32.30 6.33
CA ARG B 121 1.85 -31.77 7.37
C ARG B 121 1.05 -31.19 8.56
N GLY B 122 1.01 -31.92 9.68
CA GLY B 122 0.41 -31.46 10.90
C GLY B 122 0.97 -30.11 11.31
N PHE B 123 2.26 -29.90 11.09
CA PHE B 123 2.89 -28.66 11.56
C PHE B 123 2.39 -27.47 10.73
N MET B 124 1.76 -27.69 9.60
CA MET B 124 1.08 -26.61 8.84
C MET B 124 -0.42 -26.61 9.16
N LEU B 125 -1.04 -27.78 9.15
CA LEU B 125 -2.50 -27.82 9.32
C LEU B 125 -2.99 -27.48 10.71
N TRP B 126 -2.28 -27.94 11.76
CA TRP B 126 -2.82 -27.64 13.09
C TRP B 126 -2.72 -26.14 13.38
N PRO B 127 -1.63 -25.43 13.13
CA PRO B 127 -1.67 -23.97 13.38
C PRO B 127 -2.73 -23.28 12.51
N LEU B 128 -2.88 -23.76 11.27
CA LEU B 128 -3.88 -23.19 10.38
C LEU B 128 -5.28 -23.34 10.97
N PHE B 129 -5.56 -24.53 11.51
CA PHE B 129 -6.85 -24.88 12.09
C PHE B 129 -7.14 -24.01 13.30
N GLU B 130 -6.10 -23.67 14.06
CA GLU B 130 -6.26 -22.79 15.23
C GLU B 130 -6.79 -21.41 14.88
N ILE B 131 -6.34 -20.89 13.72
CA ILE B 131 -6.75 -19.56 13.32
C ILE B 131 -7.88 -19.56 12.27
N ALA B 132 -8.15 -20.71 11.66
CA ALA B 132 -9.21 -20.79 10.64
C ALA B 132 -9.93 -22.13 10.69
N PRO B 133 -10.65 -22.40 11.78
CA PRO B 133 -11.21 -23.74 11.94
C PRO B 133 -12.25 -24.10 10.88
N GLU B 134 -12.91 -23.14 10.24
CA GLU B 134 -13.93 -23.42 9.23
C GLU B 134 -13.40 -23.37 7.82
N LEU B 135 -12.09 -23.35 7.68
CA LEU B 135 -11.45 -23.23 6.36
C LEU B 135 -11.86 -24.35 5.38
N VAL B 136 -12.13 -23.93 4.15
CA VAL B 136 -12.42 -24.77 3.01
C VAL B 136 -11.31 -24.53 1.98
N PHE B 137 -10.67 -25.59 1.50
CA PHE B 137 -9.65 -25.48 0.45
C PHE B 137 -10.31 -25.14 -0.89
N PRO B 138 -9.52 -24.69 -1.84
CA PRO B 138 -10.07 -24.45 -3.18
C PRO B 138 -10.83 -25.63 -3.79
N ASP B 139 -10.38 -26.85 -3.53
CA ASP B 139 -11.03 -28.02 -4.15
C ASP B 139 -12.29 -28.45 -3.39
N GLY B 140 -12.59 -27.78 -2.29
CA GLY B 140 -13.78 -27.86 -1.47
C GLY B 140 -13.57 -28.70 -0.22
N GLU B 141 -12.41 -29.35 -0.12
CA GLU B 141 -12.15 -30.14 1.06
C GLU B 141 -12.11 -29.26 2.31
N MET B 142 -12.72 -29.66 3.38
CA MET B 142 -12.63 -28.92 4.63
C MET B 142 -11.45 -29.32 5.49
N LEU B 143 -10.78 -28.32 6.05
CA LEU B 143 -9.64 -28.51 6.95
C LEU B 143 -9.97 -29.41 8.14
N ARG B 144 -11.10 -29.23 8.81
CA ARG B 144 -11.42 -30.05 9.98
C ARG B 144 -11.51 -31.54 9.66
N GLN B 145 -12.02 -31.78 8.45
CA GLN B 145 -12.21 -33.17 8.02
C GLN B 145 -10.85 -33.78 7.71
N ILE B 146 -9.98 -33.07 7.01
CA ILE B 146 -8.64 -33.58 6.76
C ILE B 146 -7.92 -33.97 8.04
N LEU B 147 -7.91 -33.04 9.01
CA LEU B 147 -7.21 -33.31 10.25
C LEU B 147 -7.72 -34.51 10.99
N HIS B 148 -9.03 -34.64 10.94
CA HIS B 148 -9.58 -35.76 11.68
C HIS B 148 -9.39 -37.08 10.97
N THR B 149 -9.64 -37.16 9.66
CA THR B 149 -9.62 -38.46 9.03
C THR B 149 -8.21 -38.98 8.88
N ARG B 150 -7.26 -38.09 8.72
CA ARG B 150 -5.89 -38.57 8.56
C ARG B 150 -5.27 -38.74 9.94
N ALA B 151 -5.89 -38.20 10.95
CA ALA B 151 -5.64 -38.56 12.33
C ALA B 151 -4.26 -38.12 12.76
N PHE B 152 -3.86 -36.94 12.29
CA PHE B 152 -2.61 -36.32 12.68
C PHE B 152 -2.50 -36.12 14.19
N ASP B 153 -1.38 -36.51 14.77
CA ASP B 153 -1.18 -36.27 16.19
C ASP B 153 -1.24 -34.77 16.47
N LYS B 154 -1.79 -34.40 17.60
CA LYS B 154 -1.73 -33.04 18.13
C LYS B 154 -0.28 -32.59 18.39
N LEU B 155 -0.02 -31.28 18.32
CA LEU B 155 1.25 -30.65 18.48
C LEU B 155 1.49 -30.10 19.91
N ASN B 156 2.78 -29.95 20.22
CA ASN B 156 3.21 -29.39 21.47
C ASN B 156 3.54 -27.90 21.33
N LYS B 157 3.08 -27.11 22.30
CA LYS B 157 3.42 -25.70 22.31
C LYS B 157 4.93 -25.50 22.56
N TRP B 158 5.49 -24.45 21.95
CA TRP B 158 6.89 -24.08 22.17
C TRP B 158 7.13 -23.74 23.64
MG MG C . 4.01 20.43 -9.16
MG MG D . 2.38 23.47 -9.79
MG MG E . -9.05 4.28 -2.21
CL CL F . -0.64 29.19 6.52
C ACT G . -13.01 43.21 2.50
O ACT G . -13.01 43.06 1.23
OXT ACT G . -12.15 42.86 3.40
CH3 ACT G . -14.16 43.94 3.09
C ACT H . -8.89 5.25 3.48
O ACT H . -8.29 4.18 3.84
OXT ACT H . -9.69 5.21 2.48
CH3 ACT H . -8.63 6.55 4.27
C ACT I . 1.94 33.47 3.58
O ACT I . 1.59 34.58 3.11
OXT ACT I . 1.27 32.72 4.33
CH3 ACT I . 3.38 33.01 3.14
CL CL J . 7.12 16.79 -18.54
PG APC K . 4.69 25.25 -8.54
O1G APC K . 5.06 24.55 -7.24
O2G APC K . 5.14 26.71 -8.56
O3G APC K . 3.26 25.08 -8.95
PB APC K . 5.56 23.07 -10.17
O1B APC K . 4.25 22.44 -9.70
O2B APC K . 5.88 23.00 -11.61
O3B APC K . 5.60 24.60 -9.67
PA APC K . 7.19 20.61 -9.81
O1A APC K . 5.87 19.98 -10.07
O2A APC K . 8.19 20.54 -10.91
C3A APC K . 6.93 22.34 -9.29
O5' APC K . 7.75 19.86 -8.52
C5' APC K . 9.07 20.16 -8.15
C4' APC K . 9.33 19.54 -6.65
O4' APC K . 8.43 20.26 -5.84
C3' APC K . 8.98 18.14 -6.41
O3' APC K . 10.09 17.28 -6.81
C2' APC K . 8.60 18.13 -4.92
O2' APC K . 9.70 17.47 -4.14
C1' APC K . 8.55 19.58 -4.56
N9 APC K . 7.47 19.99 -3.70
C8 APC K . 7.60 20.79 -2.58
N7 APC K . 6.40 21.05 -2.02
C5 APC K . 5.50 20.35 -2.86
C6 APC K . 4.13 20.31 -2.70
N6 APC K . 3.42 20.90 -1.72
N1 APC K . 3.47 19.58 -3.61
C2 APC K . 4.17 18.97 -4.61
N3 APC K . 5.48 18.98 -4.80
C4 APC K . 6.16 19.72 -3.86
C7 HHR L . 2.47 27.33 -13.73
N8 HHR L . 1.49 27.97 -14.30
C9 HHR L . 0.20 27.68 -14.21
N1 HHR L . -0.77 28.35 -14.81
C2 HHR L . -2.02 28.08 -14.73
N2 HHR L . -3.01 28.64 -15.26
C10 HHR L . -0.09 26.51 -13.35
C4 HHR L . -1.41 26.19 -13.24
N3 HHR L . -2.35 26.92 -13.89
O4 HHR L . -1.80 25.22 -12.55
N5 HHR L . 0.88 25.83 -12.74
C6 HHR L . 2.16 26.19 -12.89
C6A HHR L . 3.30 25.44 -12.21
O6A HHR L . 2.87 24.25 -11.73
C1 GOL M . 5.55 31.56 0.75
O1 GOL M . 6.35 31.55 -0.31
C2 GOL M . 6.10 30.77 1.91
O2 GOL M . 7.60 30.93 2.03
C3 GOL M . 5.84 29.32 1.69
O3 GOL M . 6.91 28.60 1.85
MG MG N . 9.86 -22.25 1.78
MG MG O . 8.68 -24.99 3.62
CL CL P . -7.06 -27.72 -2.68
C ACT Q . -4.06 -13.41 -8.61
O ACT Q . -4.89 -12.96 -7.77
OXT ACT Q . -3.69 -14.59 -8.89
CH3 ACT Q . -3.40 -12.23 -9.39
PG APC R . 8.82 -27.08 1.17
O1G APC R . 8.29 -26.40 -0.04
O2G APC R . 8.87 -28.58 1.07
O3G APC R . 8.15 -26.58 2.45
PB APC R . 11.03 -25.19 1.41
O1B APC R . 9.97 -24.30 2.02
O2B APC R . 12.32 -25.32 2.03
O3B APC R . 10.42 -26.68 1.33
PA APC R . 12.16 -23.08 -0.35
O1A APC R . 11.72 -22.26 0.83
O2A APC R . 13.59 -23.32 -0.49
C3A APC R . 11.21 -24.66 -0.27
O5' APC R . 11.57 -22.29 -1.59
C5' APC R . 11.99 -22.79 -2.93
C4' APC R . 11.06 -22.14 -4.02
O4' APC R . 9.71 -22.50 -3.68
C3' APC R . 10.92 -20.63 -3.94
O3' APC R . 12.02 -20.04 -4.64
C2' APC R . 9.55 -20.35 -4.54
O2' APC R . 9.67 -19.85 -5.94
C1' APC R . 8.94 -21.71 -4.64
N9 APC R . 7.55 -21.71 -4.12
C8 APC R . 6.57 -22.36 -4.81
N7 APC R . 5.43 -22.34 -4.17
C5 APC R . 5.71 -21.62 -2.98
C6 APC R . 4.85 -21.29 -1.93
N6 APC R . 3.46 -21.65 -1.88
N1 APC R . 5.35 -20.58 -0.89
C2 APC R . 6.69 -20.21 -0.93
N3 APC R . 7.57 -20.53 -1.96
C4 APC R . 7.02 -21.23 -2.99
C7 HHR S . 10.97 -29.38 6.32
N8 HHR S . 10.74 -29.90 7.49
C9 HHR S . 10.06 -29.37 8.51
N1 HHR S . 9.82 -29.89 9.69
C2 HHR S . 9.15 -29.35 10.67
N2 HHR S . 8.88 -29.79 11.82
C10 HHR S . 9.55 -28.00 8.15
C4 HHR S . 8.83 -27.39 9.16
N3 HHR S . 8.63 -28.01 10.36
O4 HHR S . 8.32 -26.21 9.02
N5 HHR S . 9.76 -27.40 6.95
C6 HHR S . 10.46 -28.05 6.01
C6A HHR S . 10.76 -27.49 4.63
O6A HHR S . 10.28 -26.20 4.44
C1 GOL T . 15.63 -15.66 -2.30
O1 GOL T . 14.42 -16.14 -2.31
C2 GOL T . 15.78 -14.23 -2.68
O2 GOL T . 14.60 -13.34 -2.39
C3 GOL T . 16.37 -13.93 -4.00
O3 GOL T . 17.68 -13.94 -3.96
#